data_1T15
#
_entry.id   1T15
#
_cell.length_a   65.837
_cell.length_b   65.837
_cell.length_c   93.075
_cell.angle_alpha   90.00
_cell.angle_beta   90.00
_cell.angle_gamma   120.00
#
_symmetry.space_group_name_H-M   'P 32 2 1'
#
loop_
_entity.id
_entity.type
_entity.pdbx_description
1 polymer 'Breast cancer type 1 susceptibility protein'
2 polymer 'BRCA1 interacting protein C-terminal helicase 1'
3 water water
#
loop_
_entity_poly.entity_id
_entity_poly.type
_entity_poly.pdbx_seq_one_letter_code
_entity_poly.pdbx_strand_id
1 'polypeptide(L)'
;VNKRMSMVVSGLTPEEFMLVYKFARKHHITLTNLITEETTHVVMKTDAEFVCERTLKYFLGIAGGKWVVSYFWVTQSIKE
RKMLNEHDFEVRGDVVNGRNHQGPKRARESQDRKIFRGLEICCYGPFTNMPTDQLEWMVQLCGASVVKELSSFTLGTGVH
PIVVVQPDAWTEDNGFHAIGQMCEAPVVTREWVLDSVALYQCQELDTYLIPQIP
;
A
2 'polypeptide(L)' ST(SEP)PTFNK B
#
# COMPACT_ATOMS: atom_id res chain seq x y z
N ARG A 4 4.74 -6.10 21.44
CA ARG A 4 5.40 -7.21 20.71
C ARG A 4 4.74 -7.42 19.35
N MET A 5 3.70 -8.27 19.27
CA MET A 5 2.97 -8.59 18.02
C MET A 5 1.57 -7.97 18.03
N SER A 6 1.08 -7.53 16.87
CA SER A 6 -0.26 -6.94 16.76
C SER A 6 -0.73 -7.14 15.32
N MET A 7 -1.85 -7.84 15.14
CA MET A 7 -2.32 -8.20 13.79
C MET A 7 -3.56 -7.46 13.30
N VAL A 8 -3.66 -7.31 11.98
CA VAL A 8 -4.93 -6.93 11.34
C VAL A 8 -5.10 -8.00 10.26
N VAL A 9 -6.31 -8.16 9.73
CA VAL A 9 -6.53 -9.09 8.64
C VAL A 9 -7.12 -8.31 7.47
N SER A 10 -7.06 -8.90 6.29
CA SER A 10 -7.59 -8.22 5.12
C SER A 10 -8.04 -9.25 4.10
N GLY A 11 -9.19 -9.02 3.50
CA GLY A 11 -9.68 -9.93 2.48
C GLY A 11 -10.40 -11.14 3.01
N LEU A 12 -10.61 -11.21 4.32
CA LEU A 12 -11.29 -12.34 4.91
C LEU A 12 -12.77 -12.06 5.07
N THR A 13 -13.56 -13.10 4.95
CA THR A 13 -14.98 -13.01 5.28
C THR A 13 -15.07 -12.82 6.80
N PRO A 14 -16.18 -12.23 7.26
CA PRO A 14 -16.43 -12.03 8.69
C PRO A 14 -16.16 -13.31 9.46
N GLU A 15 -16.43 -14.45 8.83
CA GLU A 15 -16.20 -15.76 9.42
C GLU A 15 -14.72 -16.03 9.60
N GLU A 16 -13.97 -15.93 8.50
CA GLU A 16 -12.55 -16.24 8.52
C GLU A 16 -11.90 -15.41 9.60
N PHE A 17 -12.40 -14.18 9.77
CA PHE A 17 -11.93 -13.31 10.82
C PHE A 17 -12.17 -14.00 12.17
N MET A 18 -13.20 -14.83 12.24
CA MET A 18 -13.54 -15.48 13.50
C MET A 18 -12.60 -16.62 13.87
N LEU A 19 -12.00 -17.27 12.87
CA LEU A 19 -10.99 -18.29 13.15
C LEU A 19 -9.71 -17.58 13.63
N VAL A 20 -9.39 -16.46 12.98
CA VAL A 20 -8.22 -15.65 13.41
C VAL A 20 -8.48 -15.12 14.80
N TYR A 21 -9.72 -14.75 15.06
CA TYR A 21 -10.06 -14.23 16.36
C TYR A 21 -9.87 -15.32 17.43
N LYS A 22 -10.29 -16.54 17.11
CA LYS A 22 -10.13 -17.68 18.04
C LYS A 22 -8.65 -17.92 18.33
N PHE A 23 -7.87 -17.96 17.25
CA PHE A 23 -6.41 -18.10 17.29
C PHE A 23 -5.74 -17.03 18.17
N ALA A 24 -6.07 -15.76 17.94
CA ALA A 24 -5.49 -14.66 18.72
C ALA A 24 -5.86 -14.76 20.18
N ARG A 25 -7.10 -15.12 20.45
CA ARG A 25 -7.56 -15.25 21.82
C ARG A 25 -6.75 -16.34 22.54
N LYS A 26 -6.56 -17.47 21.88
CA LYS A 26 -5.87 -18.60 22.48
C LYS A 26 -4.41 -18.27 22.77
N HIS A 27 -3.76 -17.57 21.86
CA HIS A 27 -2.34 -17.29 21.98
C HIS A 27 -2.03 -15.94 22.57
N HIS A 28 -3.06 -15.21 22.96
CA HIS A 28 -2.91 -13.90 23.57
C HIS A 28 -2.12 -12.98 22.64
N ILE A 29 -2.52 -13.00 21.36
CA ILE A 29 -1.96 -12.13 20.33
C ILE A 29 -2.90 -10.95 20.13
N THR A 30 -2.35 -9.75 20.06
CA THR A 30 -3.17 -8.57 19.80
C THR A 30 -3.74 -8.63 18.39
N LEU A 31 -5.06 -8.48 18.27
CA LEU A 31 -5.76 -8.46 17.00
C LEU A 31 -6.64 -7.20 16.96
N THR A 32 -6.50 -6.39 15.92
CA THR A 32 -7.33 -5.19 15.81
C THR A 32 -8.01 -5.14 14.43
N ASN A 33 -8.98 -4.24 14.27
CA ASN A 33 -9.65 -4.09 12.99
C ASN A 33 -9.00 -3.00 12.12
N LEU A 34 -8.32 -2.06 12.76
CA LEU A 34 -7.66 -0.96 12.06
C LEU A 34 -6.14 -1.10 12.10
N ILE A 35 -5.49 -0.83 10.97
CA ILE A 35 -4.04 -0.90 10.92
C ILE A 35 -3.46 0.42 11.46
N THR A 36 -2.35 0.33 12.20
CA THR A 36 -1.69 1.49 12.76
C THR A 36 -0.20 1.29 12.66
N GLU A 37 0.58 2.25 13.14
CA GLU A 37 2.03 2.09 13.15
C GLU A 37 2.46 0.92 14.02
N GLU A 38 1.67 0.57 15.03
CA GLU A 38 2.02 -0.53 15.93
C GLU A 38 1.74 -1.92 15.38
N THR A 39 0.93 -2.00 14.34
CA THR A 39 0.66 -3.29 13.71
C THR A 39 1.97 -3.90 13.24
N THR A 40 2.16 -5.19 13.51
CA THR A 40 3.33 -5.89 13.06
C THR A 40 3.02 -6.86 11.91
N HIS A 41 1.76 -7.31 11.83
CA HIS A 41 1.34 -8.35 10.90
C HIS A 41 0.05 -8.01 10.20
N VAL A 42 0.02 -8.21 8.89
CA VAL A 42 -1.19 -8.02 8.12
C VAL A 42 -1.47 -9.40 7.56
N VAL A 43 -2.57 -10.01 7.98
CA VAL A 43 -2.87 -11.38 7.55
C VAL A 43 -3.83 -11.31 6.36
N MET A 44 -3.30 -11.62 5.19
CA MET A 44 -4.09 -11.51 3.96
C MET A 44 -4.65 -12.84 3.51
N LYS A 45 -5.87 -12.83 3.01
CA LYS A 45 -6.40 -14.00 2.33
C LYS A 45 -5.58 -14.16 1.03
N THR A 46 -5.08 -15.37 0.79
CA THR A 46 -4.33 -15.65 -0.43
C THR A 46 -4.83 -16.95 -1.07
N ASP A 47 -4.32 -17.22 -2.26
CA ASP A 47 -4.53 -18.50 -2.90
C ASP A 47 -3.40 -19.42 -2.41
N ALA A 48 -3.34 -20.65 -2.89
CA ALA A 48 -2.36 -21.61 -2.35
C ALA A 48 -0.90 -21.25 -2.59
N GLU A 49 -0.65 -20.31 -3.49
CA GLU A 49 0.73 -19.91 -3.78
C GLU A 49 1.07 -18.58 -3.12
N PHE A 50 0.25 -18.20 -2.15
CA PHE A 50 0.49 -16.99 -1.36
C PHE A 50 0.39 -15.70 -2.17
N VAL A 51 -0.58 -15.65 -3.08
CA VAL A 51 -0.88 -14.45 -3.87
C VAL A 51 -2.18 -13.86 -3.40
N CYS A 52 -2.19 -12.56 -3.13
CA CYS A 52 -3.38 -11.89 -2.58
C CYS A 52 -3.93 -10.80 -3.49
N GLU A 53 -5.02 -10.21 -3.02
CA GLU A 53 -5.64 -9.09 -3.68
C GLU A 53 -5.03 -7.81 -3.11
N ARG A 54 -4.99 -6.76 -3.90
CA ARG A 54 -4.46 -5.47 -3.45
C ARG A 54 -5.55 -4.71 -2.70
N THR A 55 -5.44 -4.72 -1.37
CA THR A 55 -6.30 -3.91 -0.53
C THR A 55 -5.48 -2.78 0.09
N LEU A 56 -6.18 -1.80 0.69
CA LEU A 56 -5.49 -0.71 1.37
C LEU A 56 -4.57 -1.25 2.47
N LYS A 57 -5.05 -2.23 3.22
CA LYS A 57 -4.22 -2.84 4.28
C LYS A 57 -2.98 -3.55 3.73
N TYR A 58 -3.11 -4.17 2.57
CA TYR A 58 -1.96 -4.77 1.90
C TYR A 58 -0.92 -3.67 1.61
N PHE A 59 -1.35 -2.56 1.01
CA PHE A 59 -0.42 -1.49 0.65
C PHE A 59 0.26 -0.89 1.89
N LEU A 60 -0.54 -0.62 2.90
CA LEU A 60 -0.01 0.01 4.10
C LEU A 60 0.91 -0.96 4.85
N GLY A 61 0.59 -2.24 4.81
CA GLY A 61 1.45 -3.25 5.44
C GLY A 61 2.82 -3.23 4.82
N ILE A 62 2.89 -3.30 3.49
CA ILE A 62 4.16 -3.24 2.79
C ILE A 62 4.82 -1.88 3.04
N ALA A 63 4.07 -0.79 2.90
CA ALA A 63 4.64 0.54 3.12
C ALA A 63 5.26 0.66 4.50
N GLY A 64 4.69 -0.02 5.49
CA GLY A 64 5.20 0.05 6.84
C GLY A 64 6.26 -0.98 7.19
N GLY A 65 6.66 -1.77 6.19
CA GLY A 65 7.68 -2.78 6.36
C GLY A 65 7.25 -3.91 7.29
N LYS A 66 5.94 -4.14 7.39
CA LYS A 66 5.35 -5.14 8.30
C LYS A 66 5.42 -6.55 7.71
N TRP A 67 5.09 -7.55 8.54
CA TRP A 67 4.96 -8.90 8.04
C TRP A 67 3.64 -8.98 7.30
N VAL A 68 3.70 -9.29 6.01
CA VAL A 68 2.49 -9.45 5.23
C VAL A 68 2.44 -10.93 4.89
N VAL A 69 1.57 -11.65 5.60
CA VAL A 69 1.53 -13.10 5.55
C VAL A 69 0.17 -13.65 5.19
N SER A 70 0.17 -14.87 4.68
CA SER A 70 -1.08 -15.53 4.30
C SER A 70 -1.90 -16.00 5.48
N TYR A 71 -3.20 -15.99 5.28
CA TYR A 71 -4.16 -16.54 6.22
C TYR A 71 -3.81 -17.99 6.55
N PHE A 72 -3.19 -18.68 5.59
CA PHE A 72 -2.74 -20.06 5.84
C PHE A 72 -1.82 -20.17 7.05
N TRP A 73 -1.15 -19.08 7.43
CA TRP A 73 -0.29 -19.14 8.60
C TRP A 73 -1.15 -19.50 9.79
N VAL A 74 -2.29 -18.84 9.89
CA VAL A 74 -3.22 -19.08 10.97
C VAL A 74 -3.77 -20.50 10.88
N THR A 75 -4.39 -20.83 9.74
CA THR A 75 -5.00 -22.17 9.66
C THR A 75 -4.03 -23.32 9.86
N GLN A 76 -2.85 -23.23 9.26
CA GLN A 76 -1.86 -24.27 9.44
C GLN A 76 -1.36 -24.33 10.88
N SER A 77 -1.23 -23.18 11.54
CA SER A 77 -0.78 -23.14 12.94
C SER A 77 -1.79 -23.86 13.83
N ILE A 78 -3.05 -23.54 13.64
CA ILE A 78 -4.12 -24.21 14.38
C ILE A 78 -3.99 -25.70 14.15
N LYS A 79 -3.92 -26.07 12.87
CA LYS A 79 -3.86 -27.48 12.49
C LYS A 79 -2.72 -28.26 13.15
N GLU A 80 -1.68 -27.55 13.58
CA GLU A 80 -0.53 -28.19 14.21
C GLU A 80 -0.43 -27.78 15.68
N ARG A 81 -1.44 -27.05 16.14
CA ARG A 81 -1.51 -26.59 17.52
C ARG A 81 -0.21 -25.96 18.00
N LYS A 82 0.66 -25.65 17.05
CA LYS A 82 1.92 -24.98 17.31
C LYS A 82 1.72 -23.52 16.91
N MET A 83 2.80 -22.77 16.97
CA MET A 83 2.81 -21.38 16.49
C MET A 83 3.84 -21.34 15.38
N LEU A 84 3.39 -21.50 14.15
CA LEU A 84 4.30 -21.53 13.02
C LEU A 84 4.97 -20.19 12.77
N ASN A 85 6.04 -20.23 11.97
CA ASN A 85 6.82 -19.04 11.66
C ASN A 85 6.32 -18.26 10.44
N GLU A 86 6.12 -16.94 10.63
CA GLU A 86 5.68 -16.05 9.57
C GLU A 86 6.36 -16.27 8.24
N HIS A 87 7.69 -16.22 8.27
CA HIS A 87 8.52 -16.39 7.09
C HIS A 87 7.96 -17.41 6.15
N ASP A 88 7.54 -18.53 6.72
CA ASP A 88 7.07 -19.66 5.93
C ASP A 88 5.75 -19.39 5.24
N PHE A 89 5.14 -18.25 5.52
CA PHE A 89 3.86 -17.93 4.93
C PHE A 89 3.80 -16.53 4.35
N GLU A 90 4.94 -15.88 4.16
CA GLU A 90 4.95 -14.52 3.63
C GLU A 90 4.25 -14.41 2.29
N VAL A 91 3.48 -13.36 2.07
CA VAL A 91 2.88 -13.26 0.76
C VAL A 91 3.96 -12.94 -0.27
N ARG A 92 3.87 -13.64 -1.40
CA ARG A 92 4.87 -13.57 -2.48
C ARG A 92 4.52 -12.56 -3.59
N GLY A 93 3.24 -12.30 -3.76
CA GLY A 93 2.81 -11.34 -4.77
C GLY A 93 1.32 -11.07 -4.71
N ASP A 94 0.80 -10.42 -5.74
CA ASP A 94 -0.62 -10.11 -5.78
C ASP A 94 -1.18 -10.27 -7.20
N VAL A 95 -2.50 -10.24 -7.32
CA VAL A 95 -3.15 -10.50 -8.62
C VAL A 95 -2.94 -9.41 -9.66
N VAL A 96 -2.27 -8.33 -9.28
CA VAL A 96 -2.07 -7.23 -10.21
C VAL A 96 -0.62 -7.10 -10.65
N ASN A 97 0.29 -7.07 -9.70
CA ASN A 97 1.68 -6.76 -10.05
C ASN A 97 2.64 -7.91 -10.26
N GLY A 98 2.18 -9.15 -10.01
CA GLY A 98 3.06 -10.29 -10.15
C GLY A 98 2.92 -11.33 -9.07
N ARG A 99 2.99 -12.60 -9.45
CA ARG A 99 2.77 -13.68 -8.50
C ARG A 99 3.92 -13.93 -7.54
N ASN A 100 5.11 -13.46 -7.88
CA ASN A 100 6.27 -13.71 -7.04
C ASN A 100 7.20 -12.51 -7.02
N HIS A 101 6.65 -11.31 -6.98
CA HIS A 101 7.48 -10.11 -6.99
C HIS A 101 8.25 -9.89 -5.68
N GLN A 102 7.82 -10.57 -4.61
CA GLN A 102 8.48 -10.50 -3.32
C GLN A 102 8.52 -9.07 -2.77
N GLY A 103 7.47 -8.31 -3.07
CA GLY A 103 7.37 -6.95 -2.57
C GLY A 103 7.39 -6.86 -1.05
N PRO A 104 6.58 -7.66 -0.37
CA PRO A 104 6.59 -7.59 1.09
C PRO A 104 7.99 -7.80 1.69
N LYS A 105 8.72 -8.82 1.25
CA LYS A 105 10.06 -9.07 1.74
C LYS A 105 11.00 -7.89 1.43
N ARG A 106 10.88 -7.32 0.24
CA ARG A 106 11.73 -6.18 -0.14
C ARG A 106 11.51 -4.97 0.78
N ALA A 107 10.25 -4.70 1.11
CA ALA A 107 9.95 -3.60 2.01
C ALA A 107 10.51 -3.87 3.40
N ARG A 108 10.35 -5.09 3.88
CA ARG A 108 10.90 -5.43 5.19
C ARG A 108 12.39 -5.18 5.19
N GLU A 109 13.00 -5.42 4.04
CA GLU A 109 14.46 -5.39 3.93
C GLU A 109 15.03 -4.08 3.41
N SER A 110 14.16 -3.09 3.19
CA SER A 110 14.61 -1.84 2.59
C SER A 110 14.18 -0.62 3.37
N GLN A 111 13.97 -0.78 4.67
CA GLN A 111 13.56 0.35 5.49
C GLN A 111 14.60 1.47 5.60
N ASP A 112 15.87 1.18 5.32
CA ASP A 112 16.90 2.20 5.35
C ASP A 112 17.01 2.91 4.01
N ARG A 113 16.30 2.40 3.01
CA ARG A 113 16.33 3.00 1.68
C ARG A 113 14.94 2.97 1.06
N LYS A 114 14.08 3.79 1.63
CA LYS A 114 12.69 3.80 1.23
C LYS A 114 12.50 4.28 -0.21
N ILE A 115 11.50 3.70 -0.87
CA ILE A 115 11.32 3.90 -2.31
C ILE A 115 11.04 5.33 -2.72
N PHE A 116 10.41 6.11 -1.84
CA PHE A 116 10.12 7.49 -2.18
C PHE A 116 11.00 8.48 -1.44
N ARG A 117 12.10 8.02 -0.86
CA ARG A 117 13.00 8.94 -0.17
C ARG A 117 13.42 10.03 -1.15
N GLY A 118 13.34 11.27 -0.71
CA GLY A 118 13.77 12.39 -1.54
C GLY A 118 12.73 12.89 -2.53
N LEU A 119 11.50 12.40 -2.39
CA LEU A 119 10.44 12.88 -3.28
C LEU A 119 9.46 13.73 -2.49
N GLU A 120 8.85 14.71 -3.14
CA GLU A 120 7.79 15.51 -2.52
C GLU A 120 6.52 15.16 -3.29
N ILE A 121 5.49 14.68 -2.62
CA ILE A 121 4.28 14.26 -3.32
C ILE A 121 3.01 14.98 -2.86
N CYS A 122 2.23 15.46 -3.83
CA CYS A 122 0.95 16.06 -3.53
C CYS A 122 -0.10 15.10 -4.05
N CYS A 123 -0.93 14.58 -3.15
CA CYS A 123 -2.04 13.73 -3.53
C CYS A 123 -3.23 14.67 -3.79
N TYR A 124 -3.48 14.92 -5.07
CA TYR A 124 -4.41 15.93 -5.52
C TYR A 124 -5.73 15.29 -5.94
N GLY A 125 -6.75 15.47 -5.12
CA GLY A 125 -8.06 14.82 -5.29
C GLY A 125 -8.90 15.33 -6.44
N PRO A 126 -10.06 14.69 -6.64
CA PRO A 126 -10.57 13.65 -5.74
C PRO A 126 -10.09 12.22 -5.98
N PHE A 127 -10.35 11.35 -5.01
CA PHE A 127 -10.05 9.93 -5.11
C PHE A 127 -11.24 9.09 -4.65
N THR A 128 -11.27 7.82 -5.06
CA THR A 128 -12.28 6.90 -4.58
C THR A 128 -11.66 5.70 -3.87
N ASN A 129 -12.44 5.16 -2.93
CA ASN A 129 -12.10 3.93 -2.21
C ASN A 129 -10.86 3.99 -1.35
N MET A 130 -10.21 5.13 -1.34
CA MET A 130 -9.03 5.27 -0.52
C MET A 130 -8.94 6.72 -0.06
N PRO A 131 -9.28 6.95 1.20
CA PRO A 131 -9.25 8.30 1.77
C PRO A 131 -7.89 8.93 1.52
N THR A 132 -7.94 10.20 1.14
CA THR A 132 -6.75 10.96 0.80
C THR A 132 -5.65 10.89 1.84
N ASP A 133 -6.01 10.97 3.11
CA ASP A 133 -4.96 10.98 4.12
C ASP A 133 -4.32 9.60 4.33
N GLN A 134 -4.89 8.57 3.73
CA GLN A 134 -4.32 7.22 3.83
C GLN A 134 -3.34 7.04 2.69
N LEU A 135 -3.67 7.62 1.53
CA LEU A 135 -2.72 7.65 0.43
C LEU A 135 -1.52 8.48 0.89
N GLU A 136 -1.78 9.58 1.60
CA GLU A 136 -0.67 10.41 2.08
C GLU A 136 0.17 9.64 3.09
N TRP A 137 -0.49 8.92 3.99
CA TRP A 137 0.25 8.12 4.97
C TRP A 137 1.12 7.09 4.25
N MET A 138 0.52 6.42 3.27
CA MET A 138 1.25 5.43 2.50
C MET A 138 2.55 6.00 1.92
N VAL A 139 2.45 7.12 1.23
CA VAL A 139 3.66 7.66 0.63
C VAL A 139 4.64 8.13 1.70
N GLN A 140 4.14 8.64 2.82
CA GLN A 140 5.01 9.08 3.90
C GLN A 140 5.78 7.92 4.50
N LEU A 141 5.08 6.82 4.72
CA LEU A 141 5.68 5.60 5.23
C LEU A 141 6.77 5.16 4.27
N CYS A 142 6.57 5.50 3.00
CA CYS A 142 7.50 5.13 1.94
C CYS A 142 8.62 6.17 1.74
N GLY A 143 8.74 7.11 2.66
CA GLY A 143 9.83 8.07 2.61
C GLY A 143 9.53 9.42 2.00
N ALA A 144 8.35 9.58 1.39
CA ALA A 144 8.07 10.86 0.76
C ALA A 144 7.67 11.94 1.76
N SER A 145 7.86 13.19 1.33
CA SER A 145 7.36 14.35 2.05
C SER A 145 6.00 14.68 1.43
N VAL A 146 4.98 14.80 2.29
CA VAL A 146 3.63 15.11 1.84
C VAL A 146 3.45 16.61 1.70
N VAL A 147 2.92 17.01 0.56
CA VAL A 147 2.66 18.42 0.28
C VAL A 147 1.15 18.54 0.08
N LYS A 148 0.51 19.49 0.77
CA LYS A 148 -0.95 19.60 0.71
C LYS A 148 -1.49 20.46 -0.44
N GLU A 149 -0.80 21.53 -0.82
CA GLU A 149 -1.27 22.35 -1.95
C GLU A 149 -0.25 22.43 -3.08
N LEU A 150 -0.73 22.56 -4.32
CA LEU A 150 0.18 22.71 -5.47
C LEU A 150 1.19 23.85 -5.26
N SER A 151 0.72 25.01 -4.82
CA SER A 151 1.59 26.17 -4.61
C SER A 151 2.64 25.95 -3.51
N SER A 152 2.56 24.82 -2.81
CA SER A 152 3.44 24.56 -1.67
C SER A 152 4.63 23.65 -1.90
N PHE A 153 4.87 23.24 -3.15
CA PHE A 153 6.03 22.41 -3.44
C PHE A 153 7.28 23.25 -3.13
N THR A 154 8.28 22.61 -2.54
CA THR A 154 9.55 23.24 -2.33
C THR A 154 10.22 23.43 -3.67
N LEU A 155 10.93 24.54 -3.85
CA LEU A 155 11.61 24.77 -5.13
C LEU A 155 13.11 24.46 -5.03
N GLY A 156 13.73 24.15 -6.16
CA GLY A 156 15.15 23.88 -6.14
C GLY A 156 15.47 22.76 -7.08
N THR A 157 16.66 22.81 -7.67
CA THR A 157 17.09 21.80 -8.62
C THR A 157 17.20 20.44 -7.95
N GLY A 158 17.29 20.41 -6.64
CA GLY A 158 17.45 19.16 -5.91
C GLY A 158 16.15 18.55 -5.44
N VAL A 159 15.06 19.25 -5.71
CA VAL A 159 13.74 18.81 -5.30
C VAL A 159 13.07 18.05 -6.42
N HIS A 160 12.33 17.00 -6.06
CA HIS A 160 11.59 16.23 -7.04
C HIS A 160 10.13 16.20 -6.64
N PRO A 161 9.34 17.14 -7.16
CA PRO A 161 7.91 17.21 -6.87
C PRO A 161 7.15 16.30 -7.81
N ILE A 162 6.05 15.73 -7.33
CA ILE A 162 5.22 14.86 -8.15
C ILE A 162 3.80 15.05 -7.72
N VAL A 163 2.90 15.22 -8.67
CA VAL A 163 1.49 15.34 -8.38
C VAL A 163 0.83 14.03 -8.72
N VAL A 164 0.11 13.48 -7.75
CA VAL A 164 -0.61 12.24 -7.97
C VAL A 164 -2.13 12.49 -8.02
N VAL A 165 -2.77 11.96 -9.07
CA VAL A 165 -4.21 12.09 -9.25
C VAL A 165 -4.80 10.76 -9.74
N GLN A 166 -6.13 10.66 -9.65
CA GLN A 166 -6.85 9.49 -10.14
C GLN A 166 -7.88 9.99 -11.14
N PRO A 167 -7.51 9.99 -12.42
CA PRO A 167 -8.36 10.54 -13.48
C PRO A 167 -9.79 10.03 -13.44
N ASP A 168 -10.03 8.75 -13.19
CA ASP A 168 -11.39 8.23 -13.14
C ASP A 168 -12.29 8.96 -12.13
N ALA A 169 -11.68 9.42 -11.04
CA ALA A 169 -12.39 10.09 -9.96
C ALA A 169 -13.00 11.41 -10.40
N TRP A 170 -12.40 12.04 -11.40
CA TRP A 170 -12.93 13.29 -11.94
C TRP A 170 -13.94 12.96 -13.03
N THR A 171 -14.82 13.91 -13.33
CA THR A 171 -15.70 13.75 -14.48
C THR A 171 -16.20 15.08 -15.01
N GLU A 172 -16.05 15.25 -16.33
CA GLU A 172 -16.42 16.48 -17.01
C GLU A 172 -15.43 17.52 -16.51
N ASP A 173 -14.39 17.00 -15.87
CA ASP A 173 -13.33 17.82 -15.31
C ASP A 173 -12.00 17.44 -15.93
N ASN A 174 -11.86 17.66 -17.24
CA ASN A 174 -10.60 17.42 -17.94
C ASN A 174 -9.56 18.34 -17.31
N GLY A 175 -9.81 18.67 -16.05
CA GLY A 175 -8.98 19.57 -15.29
C GLY A 175 -7.69 18.96 -14.82
N PHE A 176 -7.55 17.64 -14.92
CA PHE A 176 -6.30 17.01 -14.50
C PHE A 176 -5.17 17.25 -15.52
N HIS A 177 -5.54 17.78 -16.68
CA HIS A 177 -4.58 18.12 -17.71
C HIS A 177 -4.10 19.56 -17.54
N ALA A 178 -4.75 20.29 -16.65
CA ALA A 178 -4.44 21.70 -16.43
C ALA A 178 -3.66 21.97 -15.14
N ILE A 179 -3.14 20.92 -14.52
CA ILE A 179 -2.40 21.06 -13.27
C ILE A 179 -1.03 21.70 -13.47
N GLY A 180 -0.38 21.36 -14.58
CA GLY A 180 0.92 21.91 -14.90
C GLY A 180 0.90 23.43 -15.00
N GLN A 181 -0.27 23.99 -15.29
CA GLN A 181 -0.42 25.43 -15.39
C GLN A 181 -0.35 26.07 -14.01
N MET A 182 -0.54 25.27 -12.98
CA MET A 182 -0.49 25.77 -11.62
C MET A 182 0.85 25.47 -10.96
N CYS A 183 1.60 24.51 -11.50
CA CYS A 183 2.88 24.16 -10.91
C CYS A 183 3.79 23.44 -11.89
N GLU A 184 5.06 23.34 -11.54
CA GLU A 184 6.01 22.65 -12.40
C GLU A 184 6.41 21.32 -11.78
N ALA A 185 5.67 20.28 -12.12
CA ALA A 185 5.93 18.94 -11.59
C ALA A 185 5.26 17.93 -12.49
N PRO A 186 5.82 16.74 -12.63
CA PRO A 186 5.18 15.73 -13.46
C PRO A 186 3.87 15.36 -12.80
N VAL A 187 2.88 14.97 -13.58
CA VAL A 187 1.59 14.57 -13.03
C VAL A 187 1.38 13.11 -13.38
N VAL A 188 1.10 12.30 -12.38
CA VAL A 188 0.98 10.87 -12.59
C VAL A 188 -0.29 10.35 -11.95
N THR A 189 -0.70 9.16 -12.39
CA THR A 189 -1.87 8.53 -11.83
C THR A 189 -1.54 7.88 -10.50
N ARG A 190 -2.58 7.59 -9.73
CA ARG A 190 -2.41 6.95 -8.45
C ARG A 190 -1.79 5.55 -8.60
N GLU A 191 -1.93 4.96 -9.78
CA GLU A 191 -1.34 3.65 -10.06
C GLU A 191 0.20 3.68 -9.96
N TRP A 192 0.80 4.87 -10.17
CA TRP A 192 2.25 5.00 -10.02
C TRP A 192 2.57 4.68 -8.57
N VAL A 193 1.83 5.31 -7.67
CA VAL A 193 2.01 4.99 -6.25
C VAL A 193 1.70 3.52 -5.96
N LEU A 194 0.50 3.07 -6.32
CA LEU A 194 0.10 1.69 -5.99
C LEU A 194 1.05 0.60 -6.52
N ASP A 195 1.45 0.68 -7.78
CA ASP A 195 2.39 -0.31 -8.31
C ASP A 195 3.74 -0.23 -7.60
N SER A 196 4.24 0.98 -7.38
CA SER A 196 5.54 1.14 -6.72
C SER A 196 5.55 0.52 -5.34
N VAL A 197 4.50 0.76 -4.58
CA VAL A 197 4.41 0.21 -3.22
C VAL A 197 4.33 -1.33 -3.21
N ALA A 198 3.41 -1.91 -3.98
CA ALA A 198 3.25 -3.37 -4.03
C ALA A 198 4.55 -4.07 -4.37
N LEU A 199 5.28 -3.52 -5.33
CA LEU A 199 6.56 -4.10 -5.75
C LEU A 199 7.71 -3.66 -4.84
N TYR A 200 7.43 -2.69 -3.98
CA TYR A 200 8.44 -1.99 -3.18
C TYR A 200 9.63 -1.61 -4.06
N GLN A 201 9.34 -0.96 -5.17
CA GLN A 201 10.37 -0.49 -6.07
C GLN A 201 9.79 0.72 -6.79
N CYS A 202 10.47 1.84 -6.67
CA CYS A 202 9.95 3.05 -7.26
C CYS A 202 9.90 2.96 -8.78
N GLN A 203 8.71 2.98 -9.37
CA GLN A 203 8.59 2.85 -10.83
C GLN A 203 8.97 4.12 -11.58
N GLU A 204 9.45 3.97 -12.81
CA GLU A 204 9.67 5.14 -13.65
C GLU A 204 8.32 5.81 -13.85
N LEU A 205 8.30 7.12 -13.99
CA LEU A 205 7.03 7.84 -14.15
C LEU A 205 6.35 7.67 -15.49
N ASP A 206 7.16 7.31 -16.49
CA ASP A 206 6.74 7.31 -17.89
C ASP A 206 5.34 6.81 -18.24
N THR A 207 5.05 5.55 -17.93
CA THR A 207 3.77 4.96 -18.31
C THR A 207 2.59 5.51 -17.50
N TYR A 208 2.88 6.29 -16.47
CA TYR A 208 1.82 6.83 -15.62
C TYR A 208 1.55 8.29 -15.90
N LEU A 209 2.47 8.95 -16.59
CA LEU A 209 2.37 10.38 -16.85
C LEU A 209 1.10 10.81 -17.55
N ILE A 210 0.55 11.94 -17.11
CA ILE A 210 -0.66 12.50 -17.70
C ILE A 210 -0.26 13.74 -18.48
N PRO A 211 -0.65 13.82 -19.76
CA PRO A 211 -0.30 14.98 -20.59
C PRO A 211 -0.83 16.28 -19.98
N GLN A 212 0.02 17.30 -19.90
CA GLN A 212 -0.42 18.58 -19.39
C GLN A 212 -0.49 19.66 -20.48
N ILE A 213 -1.66 20.27 -20.61
CA ILE A 213 -1.87 21.36 -21.56
C ILE A 213 -0.99 22.56 -21.22
N PRO A 214 -0.26 23.07 -22.21
CA PRO A 214 0.68 24.18 -21.99
C PRO A 214 0.07 25.34 -21.21
N SER B 1 -14.61 -9.83 1.80
CA SER B 1 -14.85 -8.75 2.80
C SER B 1 -15.39 -7.49 2.15
N THR B 2 -15.76 -6.53 2.98
CA THR B 2 -16.27 -5.26 2.50
C THR B 2 -15.10 -4.41 1.96
N PRO B 4 -12.42 -2.64 -0.20
CA PRO B 4 -12.20 -2.42 -1.63
C PRO B 4 -10.91 -3.06 -2.09
N THR B 5 -10.88 -3.50 -3.35
CA THR B 5 -9.64 -4.01 -3.94
C THR B 5 -9.25 -3.03 -5.03
N PHE B 6 -7.98 -3.05 -5.39
CA PHE B 6 -7.49 -2.09 -6.35
C PHE B 6 -6.90 -2.77 -7.55
N ASN B 7 -7.72 -2.89 -8.59
CA ASN B 7 -7.27 -3.52 -9.81
C ASN B 7 -7.11 -2.49 -10.92
N LYS B 8 -6.65 -2.94 -12.08
CA LYS B 8 -6.42 -2.01 -13.18
C LYS B 8 -7.72 -1.75 -13.91
#